data_5EWG
#
_entry.id   5EWG
#
_cell.length_a   99.024
_cell.length_b   99.024
_cell.length_c   81.571
_cell.angle_alpha   90.00
_cell.angle_beta   90.00
_cell.angle_gamma   120.00
#
_symmetry.space_group_name_H-M   'P 61'
#
loop_
_entity.id
_entity.type
_entity.pdbx_description
1 polymer 'DNA polymerase eta'
2 polymer "DNA (5'-D(*CP*AP*TP*(8OG)P*AP*TP*GP*AP*CP*GP*CP*T)-3')"
3 polymer "DNA (5'-D(*AP*GP*CP*GP*TP*CP*AP*T)-3')"
4 non-polymer "ADENOSINE-5'-TRIPHOSPHATE"
5 non-polymer 'CALCIUM ION'
6 water water
#
loop_
_entity_poly.entity_id
_entity_poly.type
_entity_poly.pdbx_seq_one_letter_code
_entity_poly.pdbx_strand_id
1 'polypeptide(L)'
;GPHMATGQDRVVALVDMDCFFVQVEQRQNPHLRNKPCAVVQYKSWKGGGIIAVSYEARAFGVTRSMWADDAKKLCPDLLL
AQVRESRGKANLTKYREASVEVMEIMSRFAVIERASIDEAYVDLTSAVQERLQKLQGQPISADLLPSTYIEGLPQGPTTA
EETVQKEGMRKQGLFQWLDSLQIDNLTSPDLQLTVGAVIVEEMRAAIERETGFQCSAGISHNKVLAKLACGLNKPNRQTL
VSHGSVPQLFSQMPIRKIRSLGGKLGASVIEILGIEYMGELTQFTESQLQSHFGEKNGSWLYAMCRGIEHDPVKPRQLPK
TIGCSKNFPGKTALATREQVQWWLLQLAQELEERLTKDRNDNDRVATQLVVSIRVQGDKRLSSLRRCCALTRYDAHKMSH
DAFTVIKNCNTSGIQTEWSPPLTMLFLCATKFSAS
;
A
2 'polydeoxyribonucleotide' (DC)(DA)(DT)(8OG)(DA)(DT)(DG)(DA)(DC)(DG)(DC)(DT) T
3 'polydeoxyribonucleotide' (DA)(DG)(DC)(DG)(DT)(DC)(DA)(DT) P
#
# COMPACT_ATOMS: atom_id res chain seq x y z
N GLY A 1 2.68 20.29 -29.93
CA GLY A 1 2.33 21.51 -29.21
C GLY A 1 0.87 21.57 -28.79
N PRO A 2 0.01 22.08 -29.67
CA PRO A 2 -1.43 22.13 -29.36
C PRO A 2 -2.11 20.77 -29.38
N HIS A 3 -1.41 19.70 -29.76
CA HIS A 3 -2.00 18.37 -29.83
C HIS A 3 -1.35 17.39 -28.88
N MET A 4 -0.41 17.82 -28.04
CA MET A 4 0.30 16.94 -27.12
C MET A 4 -0.44 16.95 -25.78
N ALA A 5 -1.11 15.85 -25.46
CA ALA A 5 -1.80 15.73 -24.18
C ALA A 5 -0.80 15.86 -23.04
N THR A 6 -1.24 16.47 -21.94
CA THR A 6 -0.37 16.77 -20.83
C THR A 6 -0.68 15.96 -19.58
N GLY A 7 -1.65 15.05 -19.64
CA GLY A 7 -1.94 14.22 -18.47
C GLY A 7 -2.48 15.00 -17.30
N GLN A 8 -3.32 16.01 -17.56
CA GLN A 8 -3.86 16.88 -16.51
C GLN A 8 -5.38 16.79 -16.42
N ASP A 9 -5.97 15.70 -16.90
CA ASP A 9 -7.41 15.53 -17.00
C ASP A 9 -8.08 15.14 -15.68
N ARG A 10 -7.34 14.59 -14.72
CA ARG A 10 -7.91 14.06 -13.50
C ARG A 10 -7.25 14.69 -12.28
N VAL A 11 -7.97 14.67 -11.17
CA VAL A 11 -7.40 14.91 -9.84
C VAL A 11 -7.44 13.60 -9.09
N VAL A 12 -6.27 13.12 -8.64
CA VAL A 12 -6.16 11.82 -7.99
C VAL A 12 -5.42 12.02 -6.68
N ALA A 13 -5.90 11.39 -5.60
CA ALA A 13 -5.16 11.41 -4.36
C ALA A 13 -4.80 9.99 -3.93
N LEU A 14 -3.75 9.90 -3.12
CA LEU A 14 -3.38 8.66 -2.44
C LEU A 14 -3.30 8.96 -0.95
N VAL A 15 -4.11 8.25 -0.15
CA VAL A 15 -4.10 8.43 1.30
C VAL A 15 -3.38 7.23 1.91
N ASP A 16 -2.46 7.50 2.83
CA ASP A 16 -1.61 6.47 3.41
C ASP A 16 -1.59 6.66 4.93
N MET A 17 -2.07 5.67 5.68
CA MET A 17 -2.08 5.84 7.13
C MET A 17 -0.66 5.85 7.68
N ASP A 18 -0.37 6.78 8.60
CA ASP A 18 0.95 6.83 9.22
C ASP A 18 1.10 5.68 10.21
N CYS A 19 2.27 5.03 10.19
CA CYS A 19 2.62 3.86 11.03
C CYS A 19 1.38 3.14 11.54
N PHE A 20 0.64 2.52 10.62
CA PHE A 20 -0.77 2.21 10.84
C PHE A 20 -0.97 1.28 12.04
N PHE A 21 -0.28 0.13 12.08
CA PHE A 21 -0.52 -0.81 13.18
C PHE A 21 -0.17 -0.18 14.53
N VAL A 22 0.87 0.67 14.55
CA VAL A 22 1.22 1.41 15.76
C VAL A 22 0.07 2.32 16.20
N GLN A 23 -0.51 3.07 15.26
CA GLN A 23 -1.63 3.93 15.64
C GLN A 23 -2.80 3.11 16.19
N VAL A 24 -3.05 1.93 15.62
CA VAL A 24 -4.15 1.09 16.13
C VAL A 24 -3.89 0.69 17.57
N GLU A 25 -2.66 0.27 17.86
CA GLU A 25 -2.31 -0.15 19.22
C GLU A 25 -2.22 1.04 20.17
N GLN A 26 -1.85 2.22 19.66
CA GLN A 26 -1.78 3.40 20.52
C GLN A 26 -3.17 3.92 20.85
N ARG A 27 -4.10 3.82 19.91
CA ARG A 27 -5.47 4.17 20.24
C ARG A 27 -5.98 3.29 21.35
N GLN A 28 -5.70 1.99 21.27
CA GLN A 28 -6.23 1.04 22.24
C GLN A 28 -5.55 1.19 23.60
N ASN A 29 -4.26 1.49 23.60
CA ASN A 29 -3.46 1.55 24.83
C ASN A 29 -2.81 2.91 24.95
N PRO A 30 -3.44 3.85 25.66
CA PRO A 30 -2.88 5.21 25.77
C PRO A 30 -1.48 5.27 26.34
N HIS A 31 -1.02 4.27 27.09
CA HIS A 31 0.36 4.28 27.58
C HIS A 31 1.40 4.23 26.46
N LEU A 32 1.01 3.79 25.26
CA LEU A 32 1.92 3.74 24.12
C LEU A 32 1.98 5.05 23.33
N ARG A 33 1.09 6.01 23.61
CA ARG A 33 1.01 7.22 22.79
C ARG A 33 2.22 8.12 23.01
N ASN A 34 2.70 8.71 21.91
CA ASN A 34 3.82 9.65 21.94
C ASN A 34 5.08 9.04 22.55
N LYS A 35 5.28 7.75 22.31
CA LYS A 35 6.44 7.02 22.77
C LYS A 35 7.10 6.33 21.60
N PRO A 36 8.40 6.03 21.71
CA PRO A 36 9.02 5.10 20.77
C PRO A 36 8.41 3.72 20.99
N CYS A 37 7.72 3.22 19.96
CA CYS A 37 6.89 2.03 20.07
CA CYS A 37 7.09 1.92 20.11
C CYS A 37 6.98 1.24 18.76
N ALA A 38 6.78 -0.07 18.83
CA ALA A 38 6.72 -0.90 17.63
C ALA A 38 5.72 -2.00 17.87
N VAL A 39 5.20 -2.54 16.77
CA VAL A 39 4.34 -3.71 16.80
C VAL A 39 5.16 -4.91 16.32
N VAL A 40 5.00 -6.03 17.02
N VAL A 40 5.02 -6.02 17.03
CA VAL A 40 5.86 -7.21 16.87
CA VAL A 40 5.86 -7.19 16.83
C VAL A 40 4.98 -8.42 16.57
C VAL A 40 4.97 -8.39 16.53
N GLN A 41 5.47 -9.28 15.67
CA GLN A 41 4.80 -10.52 15.29
C GLN A 41 5.60 -11.67 15.88
N TYR A 42 4.92 -12.54 16.64
CA TYR A 42 5.54 -13.65 17.36
C TYR A 42 6.48 -13.15 18.45
N LYS A 43 7.22 -14.04 19.10
CA LYS A 43 7.88 -13.61 20.34
C LYS A 43 9.12 -14.44 20.69
N SER A 44 9.08 -15.74 20.43
CA SER A 44 10.11 -16.64 20.94
C SER A 44 11.45 -16.40 20.24
N TRP A 45 11.46 -16.34 18.91
CA TRP A 45 12.71 -16.19 18.16
C TRP A 45 13.10 -14.71 18.15
N LYS A 46 14.12 -14.38 18.94
CA LYS A 46 14.74 -13.04 18.99
C LYS A 46 13.74 -11.95 19.36
N GLY A 47 12.75 -12.28 20.18
CA GLY A 47 11.79 -11.31 20.66
C GLY A 47 10.65 -11.02 19.70
N GLY A 48 10.63 -11.66 18.54
CA GLY A 48 9.62 -11.44 17.53
C GLY A 48 10.09 -10.48 16.45
N GLY A 49 9.34 -10.46 15.35
CA GLY A 49 9.69 -9.64 14.19
C GLY A 49 8.90 -8.35 14.21
N ILE A 50 9.59 -7.23 13.98
CA ILE A 50 8.93 -5.93 13.97
CA ILE A 50 8.95 -5.92 13.97
C ILE A 50 8.23 -5.72 12.64
N ILE A 51 6.94 -5.39 12.72
CA ILE A 51 6.12 -5.14 11.53
C ILE A 51 5.74 -3.66 11.36
N ALA A 52 5.82 -2.84 12.41
CA ALA A 52 5.50 -1.41 12.31
C ALA A 52 6.21 -0.64 13.42
N VAL A 53 6.58 0.61 13.12
CA VAL A 53 7.47 1.40 13.97
C VAL A 53 6.96 2.83 14.07
N SER A 54 6.81 3.34 15.29
CA SER A 54 6.41 4.74 15.48
C SER A 54 7.52 5.67 15.03
N TYR A 55 7.14 6.90 14.67
CA TYR A 55 8.15 7.85 14.19
C TYR A 55 9.18 8.18 15.28
N GLU A 56 8.76 8.19 16.56
CA GLU A 56 9.74 8.40 17.63
C GLU A 56 10.78 7.29 17.65
N ALA A 57 10.37 6.05 17.39
CA ALA A 57 11.32 4.93 17.41
C ALA A 57 12.18 4.89 16.14
N ARG A 58 11.65 5.38 15.01
CA ARG A 58 12.45 5.44 13.78
C ARG A 58 13.66 6.33 13.94
N ALA A 59 13.56 7.36 14.78
CA ALA A 59 14.70 8.25 14.99
C ALA A 59 15.89 7.53 15.61
N PHE A 60 15.66 6.39 16.27
CA PHE A 60 16.72 5.55 16.80
C PHE A 60 17.22 4.51 15.80
N GLY A 61 16.62 4.42 14.61
CA GLY A 61 17.04 3.43 13.63
C GLY A 61 16.26 2.13 13.62
N VAL A 62 15.16 2.05 14.39
CA VAL A 62 14.31 0.87 14.36
C VAL A 62 13.58 0.80 13.03
N THR A 63 13.57 -0.38 12.41
CA THR A 63 12.89 -0.57 11.13
C THR A 63 12.04 -1.84 11.14
N ARG A 64 11.09 -1.88 10.21
CA ARG A 64 10.39 -3.11 9.90
C ARG A 64 11.38 -4.21 9.51
N SER A 65 11.03 -5.45 9.81
CA SER A 65 11.76 -6.69 9.59
C SER A 65 12.87 -6.92 10.62
N MET A 66 13.23 -5.92 11.41
CA MET A 66 14.21 -6.07 12.48
C MET A 66 13.64 -7.00 13.56
N TRP A 67 14.51 -7.81 14.18
CA TRP A 67 14.11 -8.53 15.39
C TRP A 67 13.97 -7.56 16.56
N ALA A 68 12.93 -7.76 17.37
CA ALA A 68 12.70 -6.87 18.50
C ALA A 68 13.88 -6.86 19.46
N ASP A 69 14.57 -8.00 19.64
CA ASP A 69 15.77 -7.99 20.48
C ASP A 69 16.83 -7.06 19.89
N ASP A 70 16.93 -7.03 18.57
CA ASP A 70 17.89 -6.14 17.93
C ASP A 70 17.42 -4.68 18.01
N ALA A 71 16.12 -4.45 17.87
CA ALA A 71 15.60 -3.09 17.99
C ALA A 71 15.83 -2.51 19.38
N LYS A 72 15.77 -3.34 20.42
CA LYS A 72 16.05 -2.89 21.77
C LYS A 72 17.51 -2.48 21.97
N LYS A 73 18.42 -2.99 21.15
CA LYS A 73 19.81 -2.52 21.23
C LYS A 73 19.93 -1.08 20.75
N LEU A 74 19.15 -0.70 19.72
CA LEU A 74 19.15 0.68 19.23
C LEU A 74 18.31 1.59 20.12
N CYS A 75 17.27 1.05 20.76
CA CYS A 75 16.30 1.86 21.50
C CYS A 75 15.89 1.08 22.75
N PRO A 76 16.65 1.21 23.84
CA PRO A 76 16.37 0.37 25.02
C PRO A 76 15.01 0.65 25.65
N ASP A 77 14.48 1.85 25.47
CA ASP A 77 13.18 2.20 26.02
C ASP A 77 12.02 1.86 25.10
N LEU A 78 12.28 1.14 24.01
CA LEU A 78 11.24 0.82 23.03
C LEU A 78 10.09 0.06 23.68
N LEU A 79 8.87 0.55 23.50
CA LEU A 79 7.67 -0.16 23.93
C LEU A 79 7.16 -1.03 22.78
N LEU A 80 6.55 -2.16 23.15
CA LEU A 80 6.10 -3.11 22.14
C LEU A 80 4.66 -3.51 22.37
N ALA A 81 3.91 -3.62 21.27
CA ALA A 81 2.61 -4.26 21.24
C ALA A 81 2.69 -5.48 20.34
N GLN A 82 2.03 -6.57 20.75
CA GLN A 82 2.09 -7.85 20.08
C GLN A 82 0.87 -8.07 19.21
N VAL A 83 1.10 -8.53 17.97
CA VAL A 83 0.00 -8.97 17.11
C VAL A 83 -0.69 -10.17 17.75
N ARG A 84 -2.01 -10.19 17.69
CA ARG A 84 -2.76 -11.33 18.18
C ARG A 84 -2.32 -12.61 17.47
N GLU A 85 -2.29 -13.70 18.23
CA GLU A 85 -1.96 -15.01 17.69
C GLU A 85 -3.15 -15.92 17.93
N SER A 86 -3.61 -16.58 16.88
CA SER A 86 -4.75 -17.49 16.96
C SER A 86 -4.39 -18.73 16.17
N ARG A 87 -4.59 -19.89 16.80
CA ARG A 87 -4.27 -21.19 16.20
C ARG A 87 -2.82 -21.25 15.74
N GLY A 88 -1.92 -20.59 16.47
CA GLY A 88 -0.51 -20.66 16.17
C GLY A 88 -0.03 -19.72 15.08
N LYS A 89 -0.90 -18.84 14.60
CA LYS A 89 -0.47 -17.90 13.57
C LYS A 89 -0.92 -16.50 13.90
N ALA A 90 -0.19 -15.54 13.35
CA ALA A 90 -0.56 -14.14 13.50
C ALA A 90 -1.94 -13.90 12.91
N ASN A 91 -2.72 -13.11 13.62
CA ASN A 91 -4.10 -12.80 13.27
C ASN A 91 -4.20 -11.29 13.15
N LEU A 92 -4.38 -10.81 11.92
CA LEU A 92 -4.38 -9.37 11.64
C LEU A 92 -5.78 -8.76 11.67
N THR A 93 -6.76 -9.45 12.27
CA THR A 93 -8.15 -9.00 12.21
C THR A 93 -8.33 -7.58 12.76
N LYS A 94 -7.66 -7.25 13.87
CA LYS A 94 -7.81 -5.93 14.46
C LYS A 94 -7.47 -4.84 13.47
N TYR A 95 -6.43 -5.05 12.65
CA TYR A 95 -5.96 -4.01 11.74
C TYR A 95 -6.82 -3.95 10.49
N ARG A 96 -7.30 -5.11 10.01
CA ARG A 96 -8.25 -5.10 8.90
C ARG A 96 -9.52 -4.35 9.26
N GLU A 97 -10.04 -4.58 10.46
CA GLU A 97 -11.24 -3.87 10.90
C GLU A 97 -10.97 -2.38 11.06
N ALA A 98 -9.77 -2.01 11.57
CA ALA A 98 -9.45 -0.59 11.65
C ALA A 98 -9.38 0.03 10.27
N SER A 99 -8.84 -0.73 9.30
CA SER A 99 -8.77 -0.26 7.92
C SER A 99 -10.16 0.03 7.37
N VAL A 100 -11.12 -0.85 7.66
CA VAL A 100 -12.50 -0.62 7.21
C VAL A 100 -13.05 0.68 7.79
N GLU A 101 -12.75 0.98 9.07
CA GLU A 101 -13.20 2.26 9.63
C GLU A 101 -12.77 3.42 8.76
N VAL A 102 -11.51 3.39 8.32
CA VAL A 102 -10.95 4.51 7.54
C VAL A 102 -11.54 4.51 6.13
N MET A 103 -11.58 3.33 5.50
CA MET A 103 -12.08 3.24 4.12
C MET A 103 -13.52 3.70 4.02
N GLU A 104 -14.34 3.39 5.04
CA GLU A 104 -15.74 3.79 4.97
C GLU A 104 -15.90 5.30 5.05
N ILE A 105 -15.05 5.97 5.84
CA ILE A 105 -15.07 7.43 5.87
C ILE A 105 -14.64 8.01 4.53
N MET A 106 -13.54 7.50 3.97
CA MET A 106 -13.07 8.01 2.68
C MET A 106 -14.13 7.88 1.60
N SER A 107 -14.89 6.79 1.62
CA SER A 107 -15.90 6.54 0.61
CA SER A 107 -15.89 6.54 0.60
C SER A 107 -17.01 7.57 0.64
N ARG A 108 -17.17 8.33 1.73
CA ARG A 108 -18.20 9.36 1.75
C ARG A 108 -17.85 10.51 0.81
N PHE A 109 -16.57 10.69 0.51
CA PHE A 109 -16.13 11.80 -0.30
C PHE A 109 -16.00 11.43 -1.78
N ALA A 110 -15.65 10.19 -2.09
CA ALA A 110 -15.38 9.85 -3.48
C ALA A 110 -15.20 8.34 -3.60
N VAL A 111 -15.24 7.87 -4.85
CA VAL A 111 -14.92 6.49 -5.16
C VAL A 111 -13.47 6.21 -4.81
N ILE A 112 -13.23 5.12 -4.06
CA ILE A 112 -11.88 4.77 -3.65
C ILE A 112 -11.49 3.43 -4.25
N GLU A 113 -10.19 3.28 -4.47
CA GLU A 113 -9.55 2.02 -4.80
C GLU A 113 -8.68 1.61 -3.61
N ARG A 114 -9.05 0.54 -2.93
CA ARG A 114 -8.21 0.00 -1.87
C ARG A 114 -6.90 -0.50 -2.48
N ALA A 115 -5.78 0.08 -2.05
CA ALA A 115 -4.48 -0.30 -2.59
C ALA A 115 -3.70 -1.23 -1.68
N SER A 116 -3.99 -1.22 -0.39
CA SER A 116 -3.38 -2.08 0.61
C SER A 116 -4.24 -2.01 1.86
N ILE A 117 -3.80 -2.67 2.94
CA ILE A 117 -4.56 -2.58 4.18
C ILE A 117 -4.68 -1.13 4.66
N ASP A 118 -3.73 -0.25 4.28
CA ASP A 118 -3.78 1.10 4.83
C ASP A 118 -3.57 2.20 3.77
N GLU A 119 -3.77 1.89 2.50
CA GLU A 119 -3.70 2.90 1.44
C GLU A 119 -4.93 2.81 0.54
N ALA A 120 -5.42 3.96 0.10
CA ALA A 120 -6.47 3.97 -0.90
C ALA A 120 -6.27 5.14 -1.83
N TYR A 121 -6.49 4.91 -3.13
CA TYR A 121 -6.53 6.00 -4.09
C TYR A 121 -7.94 6.57 -4.18
N VAL A 122 -8.00 7.86 -4.52
CA VAL A 122 -9.22 8.64 -4.55
C VAL A 122 -9.25 9.36 -5.88
N ASP A 123 -10.31 9.18 -6.69
CA ASP A 123 -10.49 9.99 -7.90
C ASP A 123 -11.41 11.17 -7.56
N LEU A 124 -10.83 12.35 -7.45
CA LEU A 124 -11.54 13.54 -6.99
C LEU A 124 -12.06 14.42 -8.13
N THR A 125 -11.93 13.99 -9.39
CA THR A 125 -12.21 14.89 -10.50
C THR A 125 -13.62 15.48 -10.39
N SER A 126 -14.62 14.62 -10.15
CA SER A 126 -16.00 15.09 -10.09
C SER A 126 -16.26 15.94 -8.85
N ALA A 127 -15.73 15.53 -7.69
CA ALA A 127 -15.92 16.31 -6.48
C ALA A 127 -15.30 17.70 -6.61
N VAL A 128 -14.19 17.82 -7.35
CA VAL A 128 -13.56 19.12 -7.56
C VAL A 128 -14.42 20.01 -8.46
N GLN A 129 -14.96 19.43 -9.54
CA GLN A 129 -15.89 20.16 -10.40
C GLN A 129 -17.04 20.73 -9.59
N GLU A 130 -17.70 19.87 -8.80
CA GLU A 130 -18.84 20.31 -8.00
C GLU A 130 -18.44 21.43 -7.02
N ARG A 131 -17.30 21.25 -6.34
CA ARG A 131 -16.83 22.26 -5.40
C ARG A 131 -16.42 23.55 -6.10
N LEU A 132 -15.95 23.46 -7.35
CA LEU A 132 -15.58 24.65 -8.10
C LEU A 132 -16.80 25.45 -8.52
N GLN A 133 -17.93 24.77 -8.77
CA GLN A 133 -19.17 25.47 -9.07
C GLN A 133 -19.80 26.08 -7.81
N LYS A 134 -19.62 25.43 -6.66
CA LYS A 134 -20.13 26.00 -5.41
C LYS A 134 -19.37 27.26 -5.04
N LEU A 135 -18.07 27.30 -5.33
CA LEU A 135 -17.33 28.55 -5.29
C LEU A 135 -17.70 29.39 -6.51
N GLN A 136 -17.66 30.71 -6.34
CA GLN A 136 -18.05 31.60 -7.44
C GLN A 136 -16.84 32.42 -7.88
N GLY A 137 -15.77 31.74 -8.29
CA GLY A 137 -14.52 32.44 -8.46
C GLY A 137 -13.97 32.99 -7.17
N GLN A 138 -14.40 32.45 -6.04
CA GLN A 138 -13.89 32.91 -4.75
C GLN A 138 -12.45 32.45 -4.56
N PRO A 139 -11.57 33.32 -4.10
CA PRO A 139 -10.18 32.89 -3.85
C PRO A 139 -10.11 31.82 -2.78
N ILE A 140 -9.15 30.92 -2.95
CA ILE A 140 -8.92 29.85 -1.98
C ILE A 140 -7.98 30.39 -0.90
N SER A 141 -8.43 30.32 0.34
CA SER A 141 -7.66 30.84 1.47
C SER A 141 -6.61 29.83 1.92
N ALA A 142 -5.45 30.33 2.36
CA ALA A 142 -4.45 29.43 2.90
C ALA A 142 -4.97 28.70 4.14
N ASP A 143 -5.93 29.30 4.85
CA ASP A 143 -6.53 28.66 6.01
C ASP A 143 -7.21 27.34 5.66
N LEU A 144 -7.60 27.15 4.40
CA LEU A 144 -8.22 25.91 3.96
C LEU A 144 -7.20 24.81 3.70
N LEU A 145 -5.90 25.12 3.75
CA LEU A 145 -4.83 24.15 3.44
C LEU A 145 -3.78 24.11 4.56
N PRO A 146 -4.21 23.83 5.79
CA PRO A 146 -3.31 24.00 6.95
C PRO A 146 -2.23 22.95 7.09
N SER A 147 -2.26 21.86 6.31
CA SER A 147 -1.22 20.84 6.40
C SER A 147 -0.68 20.47 5.02
N THR A 148 -0.86 21.36 4.04
CA THR A 148 -0.47 21.09 2.65
C THR A 148 0.88 21.71 2.31
N TYR A 149 1.73 20.91 1.68
CA TYR A 149 2.97 21.38 1.06
C TYR A 149 2.78 21.44 -0.45
N ILE A 150 3.37 22.45 -1.07
CA ILE A 150 3.37 22.54 -2.53
C ILE A 150 4.77 22.15 -3.00
N GLU A 151 4.91 21.00 -3.65
CA GLU A 151 6.24 20.51 -3.98
C GLU A 151 6.89 21.50 -4.95
N GLY A 152 8.14 21.84 -4.67
CA GLY A 152 8.92 22.74 -5.48
C GLY A 152 8.94 24.18 -4.98
N LEU A 153 8.03 24.53 -4.07
CA LEU A 153 7.95 25.88 -3.52
C LEU A 153 8.29 25.85 -2.02
N PRO A 154 8.78 26.97 -1.45
CA PRO A 154 9.05 28.26 -2.13
C PRO A 154 10.27 28.21 -3.03
N GLN A 155 10.33 29.09 -4.02
CA GLN A 155 11.46 29.15 -4.94
C GLN A 155 11.86 30.60 -5.20
N VAL A 164 13.49 30.13 8.57
CA VAL A 164 14.24 28.88 8.61
C VAL A 164 13.60 27.89 9.56
N GLN A 165 12.27 28.00 9.71
CA GLN A 165 11.47 27.04 10.46
C GLN A 165 10.69 26.19 9.47
N LYS A 166 10.35 24.96 9.87
CA LYS A 166 9.68 24.05 8.95
C LYS A 166 8.31 24.58 8.53
N GLU A 167 7.47 24.95 9.52
CA GLU A 167 6.14 25.44 9.19
C GLU A 167 6.20 26.76 8.43
N GLY A 168 7.17 27.62 8.74
CA GLY A 168 7.30 28.86 8.02
C GLY A 168 7.59 28.65 6.54
N MET A 169 8.48 27.70 6.23
CA MET A 169 8.76 27.37 4.84
CA MET A 169 8.76 27.35 4.84
C MET A 169 7.52 26.82 4.15
N ARG A 170 6.74 25.98 4.84
CA ARG A 170 5.53 25.43 4.24
C ARG A 170 4.59 26.55 3.81
N LYS A 171 4.35 27.51 4.71
CA LYS A 171 3.43 28.60 4.40
C LYS A 171 3.97 29.49 3.28
N GLN A 172 5.28 29.75 3.27
CA GLN A 172 5.87 30.54 2.20
CA GLN A 172 5.87 30.54 2.20
C GLN A 172 5.60 29.91 0.84
N GLY A 173 5.80 28.59 0.74
CA GLY A 173 5.53 27.90 -0.52
C GLY A 173 4.05 27.94 -0.87
N LEU A 174 3.19 27.69 0.13
CA LEU A 174 1.75 27.76 -0.09
C LEU A 174 1.34 29.15 -0.53
N PHE A 175 1.91 30.19 0.07
CA PHE A 175 1.58 31.55 -0.34
C PHE A 175 1.98 31.80 -1.79
N GLN A 176 3.21 31.44 -2.17
CA GLN A 176 3.64 31.61 -3.55
C GLN A 176 2.70 30.90 -4.51
N TRP A 177 2.26 29.69 -4.15
CA TRP A 177 1.37 28.92 -5.01
C TRP A 177 0.01 29.63 -5.16
N LEU A 178 -0.60 30.00 -4.04
CA LEU A 178 -1.93 30.56 -4.12
C LEU A 178 -1.93 31.90 -4.83
N ASP A 179 -0.83 32.66 -4.71
CA ASP A 179 -0.76 34.00 -5.28
C ASP A 179 -0.76 33.99 -6.80
N SER A 180 -0.53 32.84 -7.44
CA SER A 180 -0.46 32.79 -8.90
C SER A 180 -1.52 31.91 -9.52
N LEU A 181 -2.53 31.48 -8.76
CA LEU A 181 -3.61 30.67 -9.33
C LEU A 181 -4.55 31.52 -10.19
N GLN A 182 -4.99 30.93 -11.31
CA GLN A 182 -6.01 31.53 -12.17
C GLN A 182 -7.38 31.10 -11.65
N ILE A 183 -7.88 31.84 -10.66
CA ILE A 183 -9.06 31.44 -9.91
C ILE A 183 -10.32 31.46 -10.77
N ASP A 184 -10.38 32.34 -11.78
CA ASP A 184 -11.57 32.46 -12.61
C ASP A 184 -11.66 31.41 -13.70
N ASN A 185 -10.60 30.62 -13.93
CA ASN A 185 -10.59 29.59 -14.96
C ASN A 185 -10.98 28.26 -14.32
N LEU A 186 -12.22 27.85 -14.54
CA LEU A 186 -12.72 26.60 -13.95
C LEU A 186 -12.00 25.38 -14.49
N THR A 187 -11.33 25.50 -15.64
CA THR A 187 -10.63 24.37 -16.26
C THR A 187 -9.13 24.36 -15.99
N SER A 188 -8.63 25.27 -15.16
CA SER A 188 -7.19 25.31 -14.86
C SER A 188 -6.78 24.07 -14.07
N PRO A 189 -5.86 23.25 -14.57
CA PRO A 189 -5.42 22.07 -13.82
C PRO A 189 -4.83 22.40 -12.45
N ASP A 190 -4.04 23.48 -12.33
CA ASP A 190 -3.47 23.84 -11.04
C ASP A 190 -4.57 24.21 -10.06
N LEU A 191 -5.59 24.94 -10.53
CA LEU A 191 -6.72 25.24 -9.67
C LEU A 191 -7.45 23.98 -9.26
N GLN A 192 -7.63 23.05 -10.19
CA GLN A 192 -8.31 21.80 -9.87
C GLN A 192 -7.56 21.00 -8.81
N LEU A 193 -6.22 20.92 -8.94
CA LEU A 193 -5.42 20.25 -7.90
C LEU A 193 -5.57 20.95 -6.55
N THR A 194 -5.64 22.28 -6.54
CA THR A 194 -5.74 23.02 -5.28
C THR A 194 -7.06 22.70 -4.58
N VAL A 195 -8.16 22.68 -5.33
CA VAL A 195 -9.44 22.30 -4.75
C VAL A 195 -9.40 20.85 -4.28
N GLY A 196 -8.77 19.99 -5.08
CA GLY A 196 -8.54 18.61 -4.65
C GLY A 196 -7.87 18.53 -3.29
N ALA A 197 -6.84 19.36 -3.08
CA ALA A 197 -6.16 19.39 -1.79
C ALA A 197 -7.06 19.91 -0.66
N VAL A 198 -7.94 20.85 -0.96
CA VAL A 198 -8.89 21.31 0.06
C VAL A 198 -9.79 20.17 0.51
N ILE A 199 -10.30 19.38 -0.44
CA ILE A 199 -11.15 18.24 -0.10
C ILE A 199 -10.36 17.20 0.70
N VAL A 200 -9.11 16.94 0.30
CA VAL A 200 -8.30 15.96 1.03
C VAL A 200 -8.00 16.44 2.46
N GLU A 201 -7.82 17.76 2.68
CA GLU A 201 -7.73 18.25 4.06
C GLU A 201 -8.97 17.89 4.85
N GLU A 202 -10.14 18.10 4.22
CA GLU A 202 -11.41 17.77 4.87
C GLU A 202 -11.54 16.28 5.13
N MET A 203 -11.15 15.45 4.15
CA MET A 203 -11.17 14.00 4.31
C MET A 203 -10.26 13.56 5.44
N ARG A 204 -9.05 14.10 5.49
CA ARG A 204 -8.12 13.72 6.54
C ARG A 204 -8.57 14.21 7.91
N ALA A 205 -9.21 15.39 7.98
CA ALA A 205 -9.78 15.85 9.24
C ALA A 205 -10.88 14.90 9.71
N ALA A 206 -11.71 14.41 8.79
CA ALA A 206 -12.79 13.51 9.17
C ALA A 206 -12.24 12.17 9.66
N ILE A 207 -11.20 11.65 9.00
CA ILE A 207 -10.60 10.40 9.48
C ILE A 207 -10.09 10.58 10.89
N GLU A 208 -9.37 11.68 11.15
CA GLU A 208 -8.77 11.87 12.46
C GLU A 208 -9.85 12.11 13.52
N ARG A 209 -10.87 12.90 13.20
CA ARG A 209 -11.96 13.13 14.15
C ARG A 209 -12.68 11.83 14.49
N GLU A 210 -12.97 11.00 13.48
CA GLU A 210 -13.86 9.86 13.68
C GLU A 210 -13.14 8.56 14.04
N THR A 211 -11.81 8.50 13.91
CA THR A 211 -11.07 7.28 14.29
C THR A 211 -9.92 7.54 15.23
N GLY A 212 -9.43 8.76 15.35
CA GLY A 212 -8.21 9.03 16.06
C GLY A 212 -6.94 8.83 15.24
N PHE A 213 -7.04 8.40 13.99
CA PHE A 213 -5.87 8.04 13.19
C PHE A 213 -5.46 9.19 12.29
N GLN A 214 -4.14 9.41 12.20
CA GLN A 214 -3.56 10.41 11.31
C GLN A 214 -3.05 9.75 10.04
N CYS A 215 -3.01 10.52 8.96
CA CYS A 215 -2.49 9.95 7.72
C CYS A 215 -1.79 11.05 6.95
N SER A 216 -1.04 10.62 5.94
CA SER A 216 -0.45 11.51 4.95
C SER A 216 -1.19 11.34 3.63
N ALA A 217 -1.03 12.30 2.72
CA ALA A 217 -1.69 12.13 1.43
C ALA A 217 -0.90 12.86 0.34
N GLY A 218 -1.03 12.36 -0.88
CA GLY A 218 -0.53 13.05 -2.08
C GLY A 218 -1.69 13.41 -2.97
N ILE A 219 -1.61 14.58 -3.61
CA ILE A 219 -2.62 15.02 -4.57
C ILE A 219 -1.89 15.38 -5.86
N SER A 220 -2.28 14.75 -6.97
CA SER A 220 -1.68 15.08 -8.26
C SER A 220 -2.66 14.70 -9.37
N HIS A 221 -2.15 14.50 -10.57
CA HIS A 221 -3.02 14.21 -11.70
C HIS A 221 -3.15 12.72 -12.01
N ASN A 222 -2.43 11.85 -11.30
CA ASN A 222 -2.48 10.42 -11.57
C ASN A 222 -1.95 9.65 -10.36
N LYS A 223 -2.08 8.34 -10.41
CA LYS A 223 -1.81 7.52 -9.24
C LYS A 223 -0.33 7.50 -8.88
N VAL A 224 0.56 7.36 -9.88
CA VAL A 224 1.99 7.32 -9.60
C VAL A 224 2.45 8.62 -8.95
N LEU A 225 2.02 9.78 -9.50
CA LEU A 225 2.45 11.05 -8.91
C LEU A 225 1.81 11.27 -7.55
N ALA A 226 0.55 10.84 -7.37
CA ALA A 226 -0.07 10.98 -6.06
C ALA A 226 0.65 10.15 -5.00
N LYS A 227 1.06 8.93 -5.36
CA LYS A 227 1.78 8.06 -4.42
C LYS A 227 3.15 8.65 -4.08
N LEU A 228 3.88 9.12 -5.10
CA LEU A 228 5.15 9.78 -4.86
C LEU A 228 4.98 11.01 -3.97
N ALA A 229 3.96 11.82 -4.26
CA ALA A 229 3.68 13.03 -3.48
C ALA A 229 3.43 12.71 -2.02
N CYS A 230 2.66 11.65 -1.75
CA CYS A 230 2.32 11.29 -0.38
C CYS A 230 3.56 11.10 0.49
N GLY A 231 4.61 10.51 -0.08
CA GLY A 231 5.78 10.23 0.72
C GLY A 231 6.71 11.39 0.93
N LEU A 232 6.45 12.53 0.29
CA LEU A 232 7.41 13.64 0.36
C LEU A 232 7.37 14.35 1.71
N ASN A 233 6.23 14.34 2.39
CA ASN A 233 6.09 15.02 3.69
C ASN A 233 5.26 14.10 4.57
N LYS A 234 5.94 13.21 5.28
CA LYS A 234 5.31 12.30 6.26
C LYS A 234 5.93 12.62 7.62
N PRO A 235 5.19 12.45 8.72
CA PRO A 235 3.80 12.02 8.83
C PRO A 235 2.83 13.19 8.96
N ASN A 236 1.53 12.91 8.87
CA ASN A 236 0.47 13.87 9.20
C ASN A 236 0.52 15.14 8.33
N ARG A 237 0.91 15.03 7.07
CA ARG A 237 0.92 16.16 6.15
C ARG A 237 0.48 15.66 4.78
N GLN A 238 0.16 16.58 3.87
CA GLN A 238 -0.20 16.21 2.51
C GLN A 238 0.56 17.10 1.53
N THR A 239 0.81 16.58 0.34
CA THR A 239 1.68 17.24 -0.62
C THR A 239 0.99 17.29 -1.98
N LEU A 240 1.00 18.47 -2.59
CA LEU A 240 0.45 18.68 -3.93
C LEU A 240 1.61 18.70 -4.91
N VAL A 241 1.58 17.79 -5.89
CA VAL A 241 2.59 17.74 -6.96
C VAL A 241 1.89 18.14 -8.24
N SER A 242 2.19 19.34 -8.73
CA SER A 242 1.57 19.84 -9.95
C SER A 242 2.27 19.26 -11.18
N HIS A 243 1.61 19.39 -12.34
CA HIS A 243 2.26 18.97 -13.58
C HIS A 243 3.57 19.72 -13.78
N GLY A 244 3.57 21.02 -13.50
CA GLY A 244 4.75 21.84 -13.72
C GLY A 244 5.90 21.50 -12.79
N SER A 245 5.62 20.89 -11.63
CA SER A 245 6.68 20.53 -10.70
C SER A 245 7.45 19.30 -11.13
N VAL A 246 7.01 18.61 -12.17
CA VAL A 246 7.59 17.30 -12.50
C VAL A 246 9.02 17.39 -13.02
N PRO A 247 9.37 18.31 -13.93
CA PRO A 247 10.76 18.32 -14.42
C PRO A 247 11.80 18.46 -13.30
N GLN A 248 11.63 19.41 -12.38
CA GLN A 248 12.62 19.51 -11.31
C GLN A 248 12.56 18.31 -10.37
N LEU A 249 11.35 17.87 -10.02
CA LEU A 249 11.20 16.73 -9.11
C LEU A 249 11.86 15.48 -9.68
N PHE A 250 11.63 15.21 -10.97
CA PHE A 250 12.17 14.00 -11.57
C PHE A 250 13.66 14.11 -11.88
N SER A 251 14.22 15.33 -11.89
CA SER A 251 15.61 15.50 -12.31
C SER A 251 16.58 14.85 -11.34
N GLN A 252 16.19 14.65 -10.08
CA GLN A 252 17.07 13.98 -9.11
C GLN A 252 16.37 12.82 -8.43
N MET A 253 15.31 12.28 -9.05
CA MET A 253 14.49 11.24 -8.42
C MET A 253 15.00 9.88 -8.86
N PRO A 254 15.61 9.08 -7.97
CA PRO A 254 16.01 7.72 -8.38
C PRO A 254 14.85 6.95 -9.00
N ILE A 255 15.15 6.26 -10.09
CA ILE A 255 14.14 5.49 -10.82
C ILE A 255 13.40 4.55 -9.89
N ARG A 256 14.10 3.95 -8.91
CA ARG A 256 13.47 2.95 -8.06
C ARG A 256 12.35 3.51 -7.19
N LYS A 257 12.24 4.83 -7.08
CA LYS A 257 11.22 5.41 -6.21
C LYS A 257 9.85 5.42 -6.86
N ILE A 258 9.78 5.24 -8.17
CA ILE A 258 8.53 5.27 -8.91
CA ILE A 258 8.52 5.28 -8.89
C ILE A 258 7.84 3.92 -8.76
N ARG A 259 6.55 3.94 -8.44
CA ARG A 259 5.81 2.69 -8.24
C ARG A 259 5.88 1.81 -9.48
N SER A 260 6.36 0.57 -9.27
CA SER A 260 6.51 -0.55 -10.22
C SER A 260 7.93 -0.62 -10.75
N LEU A 261 8.74 0.39 -10.49
CA LEU A 261 10.15 0.38 -10.88
C LEU A 261 11.09 0.05 -9.73
N GLY A 262 10.57 -0.39 -8.57
CA GLY A 262 11.40 -0.72 -7.44
C GLY A 262 12.10 -2.06 -7.49
N GLY A 263 11.89 -2.85 -8.54
CA GLY A 263 12.43 -4.19 -8.63
C GLY A 263 13.26 -4.42 -9.87
N LYS A 264 13.07 -5.57 -10.52
CA LYS A 264 13.98 -5.98 -11.58
C LYS A 264 13.87 -5.09 -12.83
N LEU A 265 12.65 -4.68 -13.19
CA LEU A 265 12.50 -3.79 -14.34
C LEU A 265 13.23 -2.47 -14.11
N GLY A 266 13.05 -1.88 -12.92
CA GLY A 266 13.76 -0.64 -12.62
C GLY A 266 15.26 -0.81 -12.69
N ALA A 267 15.78 -1.92 -12.15
CA ALA A 267 17.22 -2.18 -12.22
C ALA A 267 17.68 -2.31 -13.66
N SER A 268 16.84 -2.89 -14.53
CA SER A 268 17.22 -3.05 -15.93
CA SER A 268 17.24 -3.04 -15.92
CA SER A 268 17.20 -3.05 -15.93
C SER A 268 17.18 -1.72 -16.67
N VAL A 269 16.24 -0.84 -16.32
CA VAL A 269 16.22 0.50 -16.93
C VAL A 269 17.55 1.19 -16.65
N ILE A 270 17.97 1.16 -15.38
CA ILE A 270 19.23 1.78 -14.96
C ILE A 270 20.42 1.17 -15.71
N GLU A 271 20.46 -0.18 -15.78
CA GLU A 271 21.63 -0.85 -16.35
C GLU A 271 21.69 -0.72 -17.85
N ILE A 272 20.55 -0.94 -18.53
CA ILE A 272 20.55 -0.94 -19.98
C ILE A 272 20.78 0.47 -20.53
N LEU A 273 20.14 1.47 -19.92
CA LEU A 273 20.27 2.84 -20.41
C LEU A 273 21.43 3.60 -19.79
N GLY A 274 21.97 3.13 -18.67
CA GLY A 274 23.05 3.85 -18.02
C GLY A 274 22.62 5.16 -17.39
N ILE A 275 21.42 5.20 -16.81
CA ILE A 275 20.89 6.41 -16.19
C ILE A 275 20.58 6.09 -14.73
N GLU A 276 20.30 7.14 -13.97
CA GLU A 276 19.94 7.02 -12.56
C GLU A 276 18.60 7.63 -12.20
N TYR A 277 18.18 8.68 -12.89
CA TYR A 277 17.06 9.49 -12.43
C TYR A 277 15.91 9.42 -13.44
N MET A 278 14.70 9.56 -12.90
CA MET A 278 13.50 9.40 -13.73
C MET A 278 13.49 10.38 -14.90
N GLY A 279 13.95 11.63 -14.68
CA GLY A 279 13.89 12.63 -15.74
C GLY A 279 14.78 12.30 -16.92
N GLU A 280 15.86 11.53 -16.70
CA GLU A 280 16.75 11.16 -17.78
C GLU A 280 16.05 10.30 -18.83
N LEU A 281 14.92 9.68 -18.50
CA LEU A 281 14.18 8.91 -19.51
C LEU A 281 13.64 9.76 -20.65
N THR A 282 13.48 11.08 -20.46
CA THR A 282 12.83 11.87 -21.51
C THR A 282 13.65 11.90 -22.79
N GLN A 283 14.94 11.57 -22.74
CA GLN A 283 15.78 11.71 -23.92
CA GLN A 283 15.81 11.69 -23.90
C GLN A 283 15.72 10.53 -24.86
N PHE A 284 14.87 9.55 -24.60
CA PHE A 284 14.72 8.39 -25.45
C PHE A 284 13.38 8.45 -26.17
N THR A 285 13.35 7.92 -27.40
CA THR A 285 12.06 7.87 -28.10
C THR A 285 11.19 6.76 -27.51
N GLU A 286 9.88 6.85 -27.77
CA GLU A 286 8.99 5.79 -27.35
C GLU A 286 9.43 4.44 -27.91
N SER A 287 9.82 4.42 -29.19
CA SER A 287 10.25 3.18 -29.82
C SER A 287 11.50 2.60 -29.16
N GLN A 288 12.46 3.46 -28.78
CA GLN A 288 13.64 2.98 -28.08
C GLN A 288 13.25 2.30 -26.77
N LEU A 289 12.37 2.93 -25.98
CA LEU A 289 11.98 2.33 -24.72
C LEU A 289 11.23 1.03 -24.94
N GLN A 290 10.36 0.99 -25.96
CA GLN A 290 9.65 -0.26 -26.25
C GLN A 290 10.60 -1.36 -26.67
N SER A 291 11.70 -1.02 -27.34
CA SER A 291 12.63 -2.06 -27.79
CA SER A 291 12.65 -2.04 -27.80
C SER A 291 13.38 -2.69 -26.63
N HIS A 292 13.68 -1.90 -25.59
CA HIS A 292 14.41 -2.47 -24.45
C HIS A 292 13.48 -3.17 -23.46
N PHE A 293 12.27 -2.64 -23.25
CA PHE A 293 11.45 -3.05 -22.11
C PHE A 293 10.08 -3.59 -22.52
N GLY A 294 9.79 -3.70 -23.81
CA GLY A 294 8.52 -4.20 -24.27
C GLY A 294 7.53 -3.08 -24.58
N GLU A 295 6.53 -3.42 -25.39
CA GLU A 295 5.60 -2.41 -25.90
C GLU A 295 4.86 -1.71 -24.76
N LYS A 296 4.31 -2.49 -23.82
CA LYS A 296 3.55 -1.89 -22.72
C LYS A 296 4.45 -1.07 -21.80
N ASN A 297 5.54 -1.68 -21.32
CA ASN A 297 6.45 -0.98 -20.42
C ASN A 297 7.05 0.26 -21.09
N GLY A 298 7.47 0.16 -22.35
CA GLY A 298 8.08 1.30 -23.00
C GLY A 298 7.13 2.47 -23.17
N SER A 299 5.90 2.19 -23.61
CA SER A 299 4.89 3.25 -23.72
C SER A 299 4.61 3.87 -22.36
N TRP A 300 4.56 3.04 -21.32
CA TRP A 300 4.29 3.54 -19.98
C TRP A 300 5.42 4.43 -19.50
N LEU A 301 6.67 3.99 -19.69
CA LEU A 301 7.82 4.79 -19.28
C LEU A 301 7.90 6.09 -20.05
N TYR A 302 7.62 6.04 -21.36
CA TYR A 302 7.70 7.27 -22.15
C TYR A 302 6.77 8.35 -21.60
N ALA A 303 5.54 7.96 -21.27
CA ALA A 303 4.59 8.92 -20.72
C ALA A 303 4.93 9.27 -19.28
N MET A 304 5.30 8.27 -18.47
CA MET A 304 5.47 8.49 -17.03
C MET A 304 6.61 9.45 -16.73
N CYS A 305 7.70 9.39 -17.50
CA CYS A 305 8.82 10.28 -17.22
C CYS A 305 8.48 11.73 -17.56
N ARG A 306 7.35 11.95 -18.23
CA ARG A 306 6.81 13.28 -18.50
C ARG A 306 5.70 13.64 -17.51
N GLY A 307 5.47 12.80 -16.50
CA GLY A 307 4.43 13.03 -15.52
C GLY A 307 3.06 12.55 -15.95
N ILE A 308 2.98 11.71 -16.97
CA ILE A 308 1.71 11.33 -17.57
C ILE A 308 1.46 9.85 -17.35
N GLU A 309 0.29 9.52 -16.83
CA GLU A 309 -0.07 8.13 -16.57
C GLU A 309 -1.59 8.04 -16.62
N HIS A 310 -2.12 6.92 -17.12
CA HIS A 310 -3.57 6.82 -17.30
C HIS A 310 -4.23 5.69 -16.52
N ASP A 311 -3.49 4.95 -15.71
CA ASP A 311 -4.07 3.91 -14.87
C ASP A 311 -5.26 4.48 -14.10
N PRO A 312 -6.46 3.93 -14.26
CA PRO A 312 -7.61 4.51 -13.58
C PRO A 312 -7.65 4.08 -12.12
N VAL A 313 -8.25 4.95 -11.31
CA VAL A 313 -8.66 4.61 -9.95
C VAL A 313 -9.80 3.61 -10.09
N LYS A 314 -9.56 2.35 -9.71
CA LYS A 314 -10.57 1.32 -9.89
C LYS A 314 -11.60 1.38 -8.76
N PRO A 315 -12.88 1.37 -9.07
CA PRO A 315 -13.89 1.38 -8.01
C PRO A 315 -13.92 0.05 -7.28
N ARG A 316 -13.07 -0.11 -6.26
CA ARG A 316 -12.93 -1.41 -5.58
C ARG A 316 -12.48 -1.16 -4.14
N GLN A 317 -13.38 -1.42 -3.20
CA GLN A 317 -13.10 -1.19 -1.78
C GLN A 317 -12.76 -2.47 -1.03
N LEU A 318 -13.09 -3.64 -1.58
CA LEU A 318 -12.88 -4.96 -1.00
C LEU A 318 -11.78 -5.73 -1.73
N PRO A 319 -11.04 -6.58 -1.02
CA PRO A 319 -10.10 -7.47 -1.70
C PRO A 319 -10.83 -8.47 -2.60
N LYS A 320 -10.16 -8.87 -3.70
CA LYS A 320 -10.63 -9.86 -4.67
C LYS A 320 -10.30 -11.29 -4.28
N THR A 321 -9.42 -11.47 -3.31
CA THR A 321 -9.04 -12.78 -2.81
C THR A 321 -8.96 -12.64 -1.30
N ILE A 322 -9.14 -13.74 -0.59
CA ILE A 322 -8.98 -13.79 0.86
CA ILE A 322 -8.98 -13.79 0.86
C ILE A 322 -8.06 -14.95 1.17
N GLY A 323 -6.89 -14.65 1.75
CA GLY A 323 -5.87 -15.67 1.93
C GLY A 323 -5.31 -15.72 3.34
N CYS A 324 -4.71 -16.88 3.64
CA CYS A 324 -4.16 -17.20 4.96
CA CYS A 324 -4.16 -17.20 4.96
C CYS A 324 -2.87 -17.97 4.73
N SER A 325 -1.76 -17.45 5.25
CA SER A 325 -0.48 -18.12 5.02
C SER A 325 0.35 -18.14 6.29
N LYS A 326 1.29 -19.08 6.36
CA LYS A 326 2.25 -19.15 7.46
C LYS A 326 3.55 -19.77 6.98
N ASN A 327 4.67 -19.17 7.39
CA ASN A 327 5.99 -19.69 7.12
C ASN A 327 6.45 -20.62 8.26
N PHE A 328 7.33 -21.56 7.91
CA PHE A 328 7.84 -22.55 8.85
C PHE A 328 9.34 -22.64 8.66
N PRO A 329 10.10 -21.67 9.19
CA PRO A 329 11.50 -21.52 8.82
C PRO A 329 12.41 -22.51 9.53
N GLY A 330 13.57 -22.72 8.91
CA GLY A 330 14.64 -23.49 9.52
C GLY A 330 14.18 -24.85 10.01
N LYS A 331 14.49 -25.14 11.27
CA LYS A 331 14.22 -26.44 11.84
C LYS A 331 12.72 -26.68 12.06
N THR A 332 11.89 -25.64 12.02
CA THR A 332 10.46 -25.79 12.18
C THR A 332 9.76 -26.27 10.91
N ALA A 333 10.50 -26.43 9.80
CA ALA A 333 9.89 -26.89 8.56
C ALA A 333 9.11 -28.18 8.78
N LEU A 334 7.95 -28.29 8.13
CA LEU A 334 7.05 -29.41 8.36
C LEU A 334 7.58 -30.65 7.64
N ALA A 335 7.78 -31.73 8.38
CA ALA A 335 8.47 -32.90 7.87
C ALA A 335 7.70 -34.20 8.04
N THR A 336 6.48 -34.15 8.59
CA THR A 336 5.64 -35.34 8.70
C THR A 336 4.26 -35.04 8.11
N ARG A 337 3.57 -36.11 7.70
CA ARG A 337 2.23 -35.95 7.13
C ARG A 337 1.24 -35.41 8.16
N GLU A 338 1.33 -35.88 9.40
CA GLU A 338 0.45 -35.38 10.45
C GLU A 338 0.64 -33.89 10.68
N GLN A 339 1.88 -33.42 10.59
CA GLN A 339 2.18 -32.00 10.76
C GLN A 339 1.54 -31.15 9.67
N VAL A 340 1.78 -31.54 8.41
CA VAL A 340 1.17 -30.84 7.28
C VAL A 340 -0.34 -30.79 7.45
N GLN A 341 -0.95 -31.91 7.86
CA GLN A 341 -2.40 -31.94 7.95
C GLN A 341 -2.93 -31.04 9.05
N TRP A 342 -2.23 -30.98 10.19
CA TRP A 342 -2.69 -30.16 11.29
C TRP A 342 -2.61 -28.67 10.94
N TRP A 343 -1.53 -28.25 10.30
CA TRP A 343 -1.38 -26.83 9.96
C TRP A 343 -2.32 -26.41 8.84
N LEU A 344 -2.56 -27.29 7.85
CA LEU A 344 -3.59 -26.97 6.87
C LEU A 344 -4.94 -26.79 7.54
N LEU A 345 -5.24 -27.60 8.57
CA LEU A 345 -6.47 -27.40 9.32
C LEU A 345 -6.47 -26.08 10.05
N GLN A 346 -5.33 -25.69 10.65
CA GLN A 346 -5.28 -24.42 11.37
C GLN A 346 -5.54 -23.25 10.43
N LEU A 347 -4.87 -23.24 9.27
CA LEU A 347 -5.09 -22.17 8.30
C LEU A 347 -6.52 -22.19 7.78
N ALA A 348 -7.07 -23.38 7.50
CA ALA A 348 -8.41 -23.49 6.96
C ALA A 348 -9.45 -22.99 7.96
N GLN A 349 -9.21 -23.20 9.25
CA GLN A 349 -10.13 -22.70 10.26
C GLN A 349 -10.14 -21.18 10.31
N GLU A 350 -8.97 -20.54 10.24
CA GLU A 350 -8.95 -19.08 10.22
C GLU A 350 -9.56 -18.55 8.93
N LEU A 351 -9.30 -19.24 7.82
CA LEU A 351 -9.88 -18.83 6.53
C LEU A 351 -11.40 -18.95 6.55
N GLU A 352 -11.94 -20.05 7.10
CA GLU A 352 -13.39 -20.19 7.22
C GLU A 352 -13.99 -19.02 8.00
N GLU A 353 -13.35 -18.63 9.11
CA GLU A 353 -13.84 -17.52 9.90
C GLU A 353 -13.92 -16.24 9.08
N ARG A 354 -12.87 -15.95 8.31
CA ARG A 354 -12.87 -14.74 7.48
C ARG A 354 -13.90 -14.85 6.37
N LEU A 355 -13.99 -16.01 5.73
CA LEU A 355 -14.92 -16.19 4.62
C LEU A 355 -16.37 -16.03 5.07
N THR A 356 -16.72 -16.63 6.22
CA THR A 356 -18.10 -16.53 6.70
C THR A 356 -18.45 -15.08 7.01
N LYS A 357 -17.54 -14.35 7.65
CA LYS A 357 -17.76 -12.93 7.88
C LYS A 357 -17.91 -12.18 6.57
N ASP A 358 -17.07 -12.52 5.59
CA ASP A 358 -17.12 -11.84 4.30
C ASP A 358 -18.43 -12.09 3.58
N ARG A 359 -18.96 -13.32 3.68
CA ARG A 359 -20.24 -13.63 3.03
C ARG A 359 -21.40 -12.87 3.67
N ASN A 360 -21.40 -12.74 5.00
CA ASN A 360 -22.44 -11.97 5.69
C ASN A 360 -22.30 -10.47 5.43
N ASP A 361 -21.06 -9.96 5.44
CA ASP A 361 -20.83 -8.52 5.30
C ASP A 361 -21.05 -8.05 3.87
N ASN A 362 -20.56 -8.82 2.90
CA ASN A 362 -20.33 -8.31 1.55
C ASN A 362 -21.08 -9.07 0.48
N ASP A 363 -22.01 -9.95 0.84
CA ASP A 363 -22.93 -10.61 -0.10
C ASP A 363 -22.18 -11.25 -1.26
N ARG A 364 -21.24 -12.13 -0.94
CA ARG A 364 -20.52 -12.86 -1.97
C ARG A 364 -20.02 -14.17 -1.39
N VAL A 365 -19.71 -15.11 -2.27
CA VAL A 365 -19.13 -16.41 -1.93
C VAL A 365 -17.95 -16.70 -2.86
N ALA A 366 -16.85 -17.16 -2.28
CA ALA A 366 -15.72 -17.63 -3.07
C ALA A 366 -16.01 -19.00 -3.64
N THR A 367 -15.47 -19.28 -4.83
CA THR A 367 -15.73 -20.53 -5.51
C THR A 367 -14.49 -21.34 -5.84
N GLN A 368 -13.30 -20.81 -5.62
CA GLN A 368 -12.08 -21.54 -5.90
C GLN A 368 -11.15 -21.45 -4.70
N LEU A 369 -10.48 -22.56 -4.40
CA LEU A 369 -9.47 -22.62 -3.35
C LEU A 369 -8.12 -22.83 -3.99
N VAL A 370 -7.18 -21.94 -3.73
CA VAL A 370 -5.80 -22.05 -4.21
C VAL A 370 -4.92 -22.48 -3.04
N VAL A 371 -4.15 -23.54 -3.24
CA VAL A 371 -3.22 -24.05 -2.24
C VAL A 371 -1.81 -23.85 -2.76
N SER A 372 -0.98 -23.17 -1.98
CA SER A 372 0.40 -22.89 -2.36
C SER A 372 1.33 -23.34 -1.25
N ILE A 373 2.45 -23.96 -1.62
CA ILE A 373 3.43 -24.41 -0.64
C ILE A 373 4.81 -23.98 -1.09
N ARG A 374 5.73 -23.90 -0.13
CA ARG A 374 7.13 -23.71 -0.43
C ARG A 374 7.93 -24.87 0.14
N VAL A 375 8.90 -25.33 -0.64
CA VAL A 375 9.74 -26.46 -0.28
C VAL A 375 11.08 -25.93 0.21
N GLN A 376 11.63 -26.59 1.23
CA GLN A 376 12.91 -26.18 1.80
C GLN A 376 14.00 -26.17 0.75
N GLY A 377 14.53 -24.98 0.44
CA GLY A 377 15.58 -24.88 -0.56
C GLY A 377 15.34 -23.83 -1.63
N ASP A 378 14.08 -23.52 -1.93
CA ASP A 378 13.75 -22.58 -3.00
C ASP A 378 13.67 -21.16 -2.44
N LYS A 379 14.43 -20.25 -3.05
CA LYS A 379 14.41 -18.85 -2.64
C LYS A 379 13.19 -18.09 -3.15
N ARG A 380 12.29 -18.76 -3.84
CA ARG A 380 11.10 -18.13 -4.39
C ARG A 380 10.05 -17.92 -3.31
N LEU A 381 9.01 -17.14 -3.63
CA LEU A 381 7.89 -17.00 -2.71
C LEU A 381 7.15 -18.32 -2.58
N SER A 382 6.79 -18.93 -3.70
CA SER A 382 6.05 -20.18 -3.74
C SER A 382 6.77 -21.18 -4.62
N SER A 383 6.74 -22.45 -4.23
CA SER A 383 7.28 -23.53 -5.04
C SER A 383 6.22 -24.15 -5.93
N LEU A 384 4.95 -24.06 -5.55
CA LEU A 384 3.89 -24.77 -6.23
C LEU A 384 2.54 -24.17 -5.85
N ARG A 385 1.64 -24.11 -6.84
CA ARG A 385 0.28 -23.63 -6.65
C ARG A 385 -0.66 -24.58 -7.37
N ARG A 386 -1.71 -25.03 -6.68
CA ARG A 386 -2.75 -25.83 -7.30
C ARG A 386 -4.10 -25.36 -6.77
N CYS A 387 -5.14 -25.62 -7.55
N CYS A 387 -5.15 -25.62 -7.56
CA CYS A 387 -6.48 -25.17 -7.21
CA CYS A 387 -6.49 -25.13 -7.29
C CYS A 387 -7.44 -26.33 -7.12
C CYS A 387 -7.48 -26.28 -7.21
N CYS A 388 -8.56 -26.07 -6.46
CA CYS A 388 -9.65 -27.03 -6.40
C CYS A 388 -10.93 -26.24 -6.14
N ALA A 389 -12.06 -26.92 -6.30
CA ALA A 389 -13.35 -26.26 -6.11
C ALA A 389 -13.55 -25.93 -4.63
N LEU A 390 -14.14 -24.78 -4.37
CA LEU A 390 -14.51 -24.36 -3.02
C LEU A 390 -16.04 -24.27 -2.98
N THR A 391 -16.68 -25.30 -2.45
CA THR A 391 -18.13 -25.41 -2.51
C THR A 391 -18.83 -25.29 -1.17
N ARG A 392 -18.12 -25.49 -0.06
CA ARG A 392 -18.68 -25.33 1.27
C ARG A 392 -17.64 -24.66 2.15
N TYR A 393 -18.09 -23.68 2.92
CA TYR A 393 -17.25 -23.01 3.92
C TYR A 393 -17.14 -23.91 5.14
N ASP A 394 -16.31 -24.95 4.99
CA ASP A 394 -16.06 -25.90 6.07
C ASP A 394 -14.57 -26.15 6.15
N ALA A 395 -13.98 -25.87 7.32
CA ALA A 395 -12.52 -25.92 7.45
C ALA A 395 -11.98 -27.34 7.25
N HIS A 396 -12.70 -28.36 7.75
CA HIS A 396 -12.23 -29.73 7.56
C HIS A 396 -12.24 -30.12 6.09
N LYS A 397 -13.30 -29.77 5.37
CA LYS A 397 -13.34 -30.05 3.94
C LYS A 397 -12.25 -29.31 3.18
N MET A 398 -12.04 -28.03 3.51
CA MET A 398 -11.03 -27.27 2.79
C MET A 398 -9.63 -27.84 3.03
N SER A 399 -9.31 -28.19 4.29
CA SER A 399 -7.97 -28.70 4.57
C SER A 399 -7.77 -30.09 4.00
N HIS A 400 -8.83 -30.90 3.98
CA HIS A 400 -8.72 -32.21 3.33
C HIS A 400 -8.53 -32.05 1.82
N ASP A 401 -9.28 -31.12 1.21
CA ASP A 401 -9.12 -30.87 -0.22
C ASP A 401 -7.73 -30.33 -0.52
N ALA A 402 -7.20 -29.45 0.33
CA ALA A 402 -5.88 -28.89 0.09
C ALA A 402 -4.82 -29.97 0.17
N PHE A 403 -4.95 -30.89 1.12
CA PHE A 403 -3.98 -31.97 1.23
C PHE A 403 -4.02 -32.83 -0.03
N THR A 404 -5.21 -33.23 -0.46
CA THR A 404 -5.35 -34.08 -1.64
C THR A 404 -4.67 -33.45 -2.84
N VAL A 405 -4.81 -32.13 -2.98
CA VAL A 405 -4.24 -31.42 -4.11
C VAL A 405 -2.72 -31.39 -4.05
N ILE A 406 -2.12 -31.38 -2.86
CA ILE A 406 -0.67 -31.30 -2.71
C ILE A 406 -0.04 -32.62 -2.27
N LYS A 407 -0.83 -33.65 -2.00
CA LYS A 407 -0.29 -34.89 -1.46
C LYS A 407 0.82 -35.47 -2.35
N ASN A 408 0.64 -35.43 -3.67
CA ASN A 408 1.58 -36.06 -4.59
C ASN A 408 2.92 -35.37 -4.63
N CYS A 409 3.04 -34.18 -4.05
CA CYS A 409 4.29 -33.46 -3.99
CA CYS A 409 4.30 -33.46 -3.99
C CYS A 409 5.25 -34.03 -2.95
N ASN A 410 4.84 -35.04 -2.20
CA ASN A 410 5.68 -35.66 -1.18
C ASN A 410 6.53 -36.76 -1.80
N THR A 411 7.84 -36.68 -1.54
CA THR A 411 8.77 -37.67 -2.10
C THR A 411 8.47 -39.07 -1.57
N SER A 412 8.59 -39.27 -0.26
CA SER A 412 8.36 -40.57 0.34
C SER A 412 8.35 -40.44 1.86
N GLY A 413 7.66 -41.38 2.50
CA GLY A 413 7.55 -41.41 3.95
C GLY A 413 6.96 -42.71 4.46
N THR A 416 4.67 -41.92 6.50
CA THR A 416 4.48 -41.10 7.68
C THR A 416 5.24 -39.77 7.58
N GLU A 417 6.25 -39.74 6.72
CA GLU A 417 7.15 -38.60 6.61
C GLU A 417 6.81 -37.75 5.40
N TRP A 418 7.21 -36.48 5.46
CA TRP A 418 7.05 -35.55 4.36
C TRP A 418 8.42 -35.02 3.99
N SER A 419 8.87 -35.35 2.78
CA SER A 419 10.13 -34.85 2.26
C SER A 419 9.87 -34.37 0.85
N PRO A 420 10.48 -33.24 0.47
CA PRO A 420 11.29 -32.40 1.36
C PRO A 420 10.39 -31.55 2.26
N PRO A 421 10.90 -31.12 3.40
CA PRO A 421 10.02 -30.43 4.38
C PRO A 421 9.46 -29.14 3.79
N LEU A 422 8.28 -28.76 4.27
CA LEU A 422 7.58 -27.58 3.78
C LEU A 422 7.89 -26.38 4.66
N THR A 423 8.33 -25.29 4.03
CA THR A 423 8.65 -24.07 4.77
C THR A 423 7.58 -23.00 4.61
N MET A 424 6.48 -23.30 3.91
CA MET A 424 5.36 -22.36 3.81
C MET A 424 4.11 -23.11 3.38
N LEU A 425 2.96 -22.73 3.96
CA LEU A 425 1.63 -23.17 3.55
C LEU A 425 0.78 -21.94 3.29
N PHE A 426 -0.07 -22.01 2.26
CA PHE A 426 -0.86 -20.85 1.85
C PHE A 426 -2.19 -21.35 1.32
N LEU A 427 -3.29 -20.85 1.87
CA LEU A 427 -4.63 -21.14 1.37
C LEU A 427 -5.28 -19.82 0.98
N CYS A 428 -5.76 -19.74 -0.26
CA CYS A 428 -6.37 -18.51 -0.75
C CYS A 428 -7.71 -18.82 -1.41
N ALA A 429 -8.76 -18.12 -0.95
CA ALA A 429 -10.09 -18.24 -1.55
C ALA A 429 -10.24 -17.15 -2.61
N THR A 430 -10.69 -17.53 -3.80
CA THR A 430 -10.71 -16.65 -4.97
CA THR A 430 -10.79 -16.54 -4.88
C THR A 430 -12.00 -16.87 -5.75
N LYS A 431 -12.14 -16.13 -6.85
CA LYS A 431 -13.25 -16.25 -7.79
C LYS A 431 -14.60 -16.07 -7.09
N PHE A 432 -14.80 -14.87 -6.54
CA PHE A 432 -16.02 -14.59 -5.79
C PHE A 432 -17.20 -14.40 -6.74
N SER A 433 -18.37 -14.85 -6.30
CA SER A 433 -19.60 -14.63 -7.02
C SER A 433 -20.63 -14.04 -6.07
N ALA A 434 -21.48 -13.17 -6.59
CA ALA A 434 -22.47 -12.49 -5.74
C ALA A 434 -23.42 -13.51 -5.12
N SER A 435 -23.94 -13.17 -3.95
CA SER A 435 -24.83 -14.08 -3.23
C SER A 435 -25.77 -13.36 -2.28
#